data_8RDM
#
_entry.id   8RDM
#
_cell.length_a   53.210
_cell.length_b   53.210
_cell.length_c   207.950
_cell.angle_alpha   90.00
_cell.angle_beta   90.00
_cell.angle_gamma   90.00
#
_symmetry.space_group_name_H-M   'P 41 2 2'
#
loop_
_entity.id
_entity.type
_entity.pdbx_description
1 polymer DtpM
2 non-polymer S-ADENOSYL-L-HOMOCYSTEINE
3 non-polymer GLYCEROL
4 water water
#
_entity_poly.entity_id   1
_entity_poly.type   'polypeptide(L)'
_entity_poly.pdbx_seq_one_letter_code
;SETDDERAGARSLLMQRLFGSRVTEVLAAMARLDLADAIGDGIADVHDLARSCDLPADGLHRLLRALAGLGMCEESEPGK
FALTASGALLRKDHPESVYDFARFHTAPETTRPWTNLEQALRTGRPTFDEHFGSPLYEYMAGHPELSARFAAAMRGESLA
TADTIAEHYDFSPYRTVTDVGGGDGTLITAILRRHPDLRGTIFETPEIAERAAERVRAAGLHDRCAVVSGDFFDLVPGGA
DLYLVKSTLHNWDDEHVVRILSSCRTALADRGRLLVIDVVLPDRAEPDPAELNPYVKDLQMLVLLGGRERTRAHLDRLCA
RAGLVIDRVLPLPPHVGLSLTEVVPAPAGPTP
;
_entity_poly.pdbx_strand_id   A
#
loop_
_chem_comp.id
_chem_comp.type
_chem_comp.name
_chem_comp.formula
GOL non-polymer GLYCEROL 'C3 H8 O3'
SAH non-polymer S-ADENOSYL-L-HOMOCYSTEINE 'C14 H20 N6 O5 S'
#
# COMPACT_ATOMS: atom_id res chain seq x y z
N GLY A 9 -28.65 9.28 -5.93
CA GLY A 9 -29.56 8.23 -6.47
C GLY A 9 -28.83 7.23 -7.34
N ALA A 10 -29.58 6.31 -7.97
CA ALA A 10 -29.05 5.18 -8.77
C ALA A 10 -28.34 5.72 -10.02
N ARG A 11 -28.93 6.71 -10.70
CA ARG A 11 -28.38 7.32 -11.93
C ARG A 11 -27.14 8.14 -11.58
N SER A 12 -27.21 8.98 -10.56
CA SER A 12 -26.07 9.83 -10.08
C SER A 12 -24.85 8.95 -9.77
N LEU A 13 -25.04 7.85 -9.04
CA LEU A 13 -23.95 6.90 -8.65
C LEU A 13 -23.28 6.37 -9.93
N LEU A 14 -24.07 5.91 -10.90
CA LEU A 14 -23.55 5.33 -12.17
C LEU A 14 -22.75 6.40 -12.92
N MET A 15 -23.31 7.60 -13.08
CA MET A 15 -22.67 8.74 -13.79
C MET A 15 -21.32 9.07 -13.14
N GLN A 16 -21.30 9.11 -11.81
CA GLN A 16 -20.07 9.30 -10.97
C GLN A 16 -19.01 8.27 -11.38
N ARG A 17 -19.36 6.98 -11.35
CA ARG A 17 -18.44 5.85 -11.64
C ARG A 17 -17.86 6.02 -13.05
N LEU A 18 -18.73 6.32 -14.03
CA LEU A 18 -18.35 6.38 -15.47
C LEU A 18 -17.32 7.49 -15.71
N PHE A 19 -17.40 8.61 -14.97
CA PHE A 19 -16.51 9.79 -15.12
C PHE A 19 -15.27 9.67 -14.21
N GLY A 20 -15.09 8.51 -13.56
CA GLY A 20 -13.97 8.24 -12.64
C GLY A 20 -12.60 8.42 -13.28
N SER A 21 -12.41 7.94 -14.51
CA SER A 21 -11.10 8.00 -15.22
C SER A 21 -10.71 9.44 -15.50
N ARG A 22 -11.69 10.30 -15.81
CA ARG A 22 -11.46 11.75 -16.08
C ARG A 22 -11.07 12.44 -14.78
N VAL A 23 -11.74 12.11 -13.67
CA VAL A 23 -11.41 12.60 -12.30
C VAL A 23 -9.96 12.23 -11.98
N THR A 24 -9.55 10.99 -12.25
CA THR A 24 -8.17 10.49 -11.98
C THR A 24 -7.17 11.33 -12.78
N GLU A 25 -7.46 11.59 -14.06
CA GLU A 25 -6.57 12.38 -14.96
C GLU A 25 -6.38 13.79 -14.40
N VAL A 26 -7.42 14.39 -13.80
CA VAL A 26 -7.35 15.74 -13.18
C VAL A 26 -6.37 15.68 -12.00
N LEU A 27 -6.51 14.68 -11.14
CA LEU A 27 -5.64 14.47 -9.95
C LEU A 27 -4.21 14.16 -10.40
N ALA A 28 -4.04 13.34 -11.45
CA ALA A 28 -2.73 12.96 -12.02
C ALA A 28 -1.97 14.23 -12.47
N ALA A 29 -2.67 15.16 -13.12
CA ALA A 29 -2.11 16.44 -13.62
C ALA A 29 -1.63 17.28 -12.42
N MET A 30 -2.46 17.38 -11.37
CA MET A 30 -2.10 18.14 -10.14
C MET A 30 -0.78 17.60 -9.59
N ALA A 31 -0.66 16.27 -9.47
CA ALA A 31 0.52 15.57 -8.90
C ALA A 31 1.75 15.77 -9.80
N ARG A 32 1.62 15.52 -11.11
CA ARG A 32 2.73 15.62 -12.09
C ARG A 32 3.26 17.06 -12.14
N LEU A 33 2.38 18.06 -12.04
CA LEU A 33 2.75 19.50 -12.13
C LEU A 33 3.15 20.06 -10.75
N ASP A 34 3.08 19.24 -9.69
CA ASP A 34 3.48 19.59 -8.31
C ASP A 34 2.73 20.86 -7.86
N LEU A 35 1.46 20.99 -8.23
CA LEU A 35 0.63 22.20 -7.95
C LEU A 35 0.38 22.33 -6.44
N ALA A 36 0.25 21.21 -5.72
CA ALA A 36 0.00 21.19 -4.26
C ALA A 36 1.15 21.91 -3.55
N ASP A 37 2.40 21.56 -3.87
CA ASP A 37 3.62 22.16 -3.27
C ASP A 37 3.73 23.63 -3.70
N ALA A 38 3.35 23.95 -4.95
CA ALA A 38 3.38 25.33 -5.51
C ALA A 38 2.43 26.24 -4.72
N ILE A 39 1.24 25.74 -4.37
CA ILE A 39 0.22 26.47 -3.56
C ILE A 39 0.67 26.48 -2.09
N GLY A 40 1.03 25.32 -1.56
CA GLY A 40 1.53 25.17 -0.17
C GLY A 40 0.50 25.58 0.87
N ASP A 41 0.89 26.46 1.80
CA ASP A 41 0.10 26.83 3.00
C ASP A 41 -0.75 28.09 2.74
N GLY A 42 -0.45 28.84 1.67
CA GLY A 42 -1.04 30.17 1.44
C GLY A 42 -2.16 30.16 0.41
N ILE A 43 -2.60 31.35 0.02
CA ILE A 43 -3.47 31.62 -1.16
C ILE A 43 -2.56 32.06 -2.32
N ALA A 44 -2.59 31.33 -3.43
CA ALA A 44 -1.75 31.56 -4.63
C ALA A 44 -2.61 32.12 -5.76
N ASP A 45 -2.08 33.11 -6.49
CA ASP A 45 -2.72 33.68 -7.70
C ASP A 45 -2.40 32.76 -8.89
N VAL A 46 -3.40 32.47 -9.72
CA VAL A 46 -3.27 31.52 -10.88
C VAL A 46 -2.16 32.02 -11.83
N HIS A 47 -2.01 33.33 -11.99
CA HIS A 47 -1.00 33.96 -12.88
C HIS A 47 0.42 33.68 -12.34
N ASP A 48 0.59 33.69 -11.02
CA ASP A 48 1.88 33.38 -10.34
C ASP A 48 2.18 31.89 -10.52
N LEU A 49 1.17 31.02 -10.33
CA LEU A 49 1.28 29.54 -10.45
C LEU A 49 1.59 29.15 -11.90
N ALA A 50 1.03 29.87 -12.88
CA ALA A 50 1.20 29.62 -14.33
C ALA A 50 2.69 29.69 -14.71
N ARG A 51 3.45 30.56 -14.04
CA ARG A 51 4.91 30.76 -14.26
C ARG A 51 5.70 29.88 -13.29
N SER A 52 5.20 28.67 -13.00
CA SER A 52 5.86 27.64 -12.15
C SER A 52 5.84 26.26 -12.82
N CYS A 53 4.89 26.00 -13.72
CA CYS A 53 4.60 24.63 -14.27
C CYS A 53 4.44 24.64 -15.80
N ASP A 54 4.72 25.75 -16.48
CA ASP A 54 4.81 25.83 -17.96
C ASP A 54 3.43 25.67 -18.62
N LEU A 55 2.34 25.87 -17.86
CA LEU A 55 0.96 26.01 -18.39
C LEU A 55 0.63 27.50 -18.48
N PRO A 56 -0.18 27.94 -19.47
CA PRO A 56 -0.68 29.32 -19.48
C PRO A 56 -1.78 29.51 -18.42
N ALA A 57 -2.07 30.76 -18.08
CA ALA A 57 -2.99 31.16 -16.98
C ALA A 57 -4.38 30.53 -17.20
N ASP A 58 -4.95 30.65 -18.40
CA ASP A 58 -6.31 30.15 -18.72
C ASP A 58 -6.37 28.64 -18.47
N GLY A 59 -5.45 27.88 -19.07
CA GLY A 59 -5.36 26.41 -18.93
C GLY A 59 -5.22 25.99 -17.47
N LEU A 60 -4.29 26.58 -16.73
CA LEU A 60 -4.06 26.25 -15.30
C LEU A 60 -5.31 26.59 -14.49
N HIS A 61 -5.97 27.72 -14.79
CA HIS A 61 -7.20 28.18 -14.06
C HIS A 61 -8.30 27.12 -14.19
N ARG A 62 -8.49 26.57 -15.40
CA ARG A 62 -9.52 25.53 -15.67
C ARG A 62 -9.21 24.27 -14.85
N LEU A 63 -7.93 23.87 -14.79
CA LEU A 63 -7.48 22.68 -14.02
C LEU A 63 -7.75 22.90 -12.53
N LEU A 64 -7.35 24.06 -12.00
CA LEU A 64 -7.51 24.40 -10.56
C LEU A 64 -9.00 24.46 -10.20
N ARG A 65 -9.85 24.98 -11.10
CA ARG A 65 -11.33 25.03 -10.89
C ARG A 65 -11.87 23.60 -10.80
N ALA A 66 -11.39 22.69 -11.64
CA ALA A 66 -11.75 21.26 -11.60
C ALA A 66 -11.31 20.66 -10.26
N LEU A 67 -10.09 20.95 -9.82
CA LEU A 67 -9.55 20.44 -8.53
C LEU A 67 -10.37 20.99 -7.36
N ALA A 68 -10.84 22.24 -7.44
CA ALA A 68 -11.76 22.84 -6.44
C ALA A 68 -13.13 22.12 -6.49
N GLY A 69 -13.61 21.80 -7.69
CA GLY A 69 -14.85 21.04 -7.90
C GLY A 69 -14.75 19.61 -7.38
N LEU A 70 -13.54 19.08 -7.21
CA LEU A 70 -13.27 17.70 -6.73
C LEU A 70 -12.76 17.70 -5.29
N GLY A 71 -12.76 18.86 -4.62
CA GLY A 71 -12.51 18.99 -3.18
C GLY A 71 -11.03 19.03 -2.81
N MET A 72 -10.15 19.33 -3.78
CA MET A 72 -8.68 19.34 -3.59
C MET A 72 -8.15 20.76 -3.31
N CYS A 73 -8.92 21.78 -3.74
N CYS A 73 -8.91 21.79 -3.68
CA CYS A 73 -8.56 23.23 -3.64
CA CYS A 73 -8.53 23.19 -3.39
C CYS A 73 -9.80 24.04 -3.23
C CYS A 73 -9.78 24.07 -3.27
N GLU A 74 -9.60 25.30 -2.81
CA GLU A 74 -10.67 26.31 -2.61
C GLU A 74 -10.33 27.53 -3.46
N GLU A 75 -11.29 28.03 -4.24
CA GLU A 75 -11.16 29.32 -4.96
C GLU A 75 -11.81 30.40 -4.09
N SER A 76 -11.03 30.99 -3.17
CA SER A 76 -11.48 32.01 -2.18
C SER A 76 -12.01 33.24 -2.92
N GLU A 77 -11.29 33.70 -3.94
CA GLU A 77 -11.70 34.75 -4.90
C GLU A 77 -11.33 34.28 -6.30
N PRO A 78 -11.96 34.81 -7.37
CA PRO A 78 -11.60 34.41 -8.73
C PRO A 78 -10.09 34.49 -8.97
N GLY A 79 -9.47 33.34 -9.29
CA GLY A 79 -8.04 33.22 -9.65
C GLY A 79 -7.13 33.07 -8.44
N LYS A 80 -7.70 32.97 -7.22
CA LYS A 80 -6.96 32.82 -5.95
C LYS A 80 -7.28 31.44 -5.35
N PHE A 81 -6.27 30.59 -5.14
CA PHE A 81 -6.46 29.17 -4.75
C PHE A 81 -5.65 28.84 -3.49
N ALA A 82 -6.29 28.10 -2.58
CA ALA A 82 -5.69 27.45 -1.39
C ALA A 82 -6.02 25.97 -1.43
N LEU A 83 -5.20 25.13 -0.80
CA LEU A 83 -5.45 23.67 -0.68
C LEU A 83 -6.51 23.42 0.40
N THR A 84 -7.32 22.38 0.22
CA THR A 84 -8.13 21.73 1.28
C THR A 84 -7.23 20.73 2.00
N ALA A 85 -7.72 20.09 3.06
CA ALA A 85 -7.02 18.99 3.76
C ALA A 85 -6.64 17.89 2.77
N SER A 86 -7.54 17.58 1.81
CA SER A 86 -7.33 16.53 0.77
C SER A 86 -6.18 16.93 -0.16
N GLY A 87 -6.19 18.18 -0.64
CA GLY A 87 -5.13 18.74 -1.51
C GLY A 87 -3.78 18.75 -0.82
N ALA A 88 -3.76 19.07 0.48
CA ALA A 88 -2.52 19.12 1.31
C ALA A 88 -1.80 17.77 1.26
N LEU A 89 -2.52 16.65 1.17
CA LEU A 89 -1.95 15.28 1.20
C LEU A 89 -1.16 14.99 -0.10
N LEU A 90 -1.35 15.78 -1.16
CA LEU A 90 -0.59 15.65 -2.44
C LEU A 90 0.70 16.51 -2.39
N ARG A 91 0.91 17.28 -1.33
CA ARG A 91 2.22 17.95 -1.11
C ARG A 91 3.28 16.87 -0.81
N LYS A 92 4.41 16.92 -1.52
CA LYS A 92 5.59 16.05 -1.26
C LYS A 92 6.00 16.14 0.22
N ASP A 93 5.87 17.33 0.82
CA ASP A 93 6.45 17.66 2.15
C ASP A 93 5.40 17.51 3.25
N HIS A 94 4.21 16.98 2.96
CA HIS A 94 3.17 16.73 4.00
C HIS A 94 3.60 15.55 4.87
N PRO A 95 3.48 15.63 6.22
CA PRO A 95 3.91 14.54 7.09
C PRO A 95 3.21 13.19 6.81
N GLU A 96 2.00 13.22 6.25
CA GLU A 96 1.24 12.00 5.84
C GLU A 96 1.01 12.03 4.33
N SER A 97 2.00 12.50 3.56
CA SER A 97 1.92 12.69 2.10
C SER A 97 1.55 11.36 1.42
N VAL A 98 0.63 11.41 0.45
CA VAL A 98 0.34 10.28 -0.48
C VAL A 98 0.70 10.72 -1.90
N TYR A 99 1.61 11.69 -2.03
CA TYR A 99 2.13 12.20 -3.33
C TYR A 99 2.71 11.04 -4.16
N ASP A 100 3.62 10.27 -3.56
CA ASP A 100 4.29 9.12 -4.25
C ASP A 100 3.25 8.06 -4.59
N PHE A 101 2.30 7.80 -3.68
CA PHE A 101 1.14 6.89 -3.92
C PHE A 101 0.39 7.37 -5.17
N ALA A 102 0.08 8.67 -5.23
CA ALA A 102 -0.66 9.30 -6.35
C ALA A 102 0.13 9.15 -7.65
N ARG A 103 1.44 9.45 -7.63
CA ARG A 103 2.32 9.36 -8.83
C ARG A 103 2.42 7.89 -9.29
N PHE A 104 2.57 6.95 -8.36
CA PHE A 104 2.74 5.50 -8.66
C PHE A 104 1.48 4.97 -9.35
N HIS A 105 0.30 5.24 -8.79
CA HIS A 105 -0.99 4.65 -9.23
C HIS A 105 -1.55 5.40 -10.45
N THR A 106 -0.92 6.50 -10.88
CA THR A 106 -1.28 7.22 -12.13
C THR A 106 -0.15 7.13 -13.17
N ALA A 107 0.93 6.39 -12.87
CA ALA A 107 2.05 6.13 -13.80
C ALA A 107 1.59 5.15 -14.88
N PRO A 108 2.14 5.23 -16.11
CA PRO A 108 1.86 4.25 -17.16
C PRO A 108 2.02 2.79 -16.68
N GLU A 109 2.99 2.55 -15.81
CA GLU A 109 3.38 1.20 -15.30
C GLU A 109 2.18 0.52 -14.62
N THR A 110 1.30 1.28 -13.94
CA THR A 110 0.18 0.73 -13.14
C THR A 110 -1.18 0.94 -13.83
N THR A 111 -1.25 1.81 -14.84
CA THR A 111 -2.52 2.18 -15.53
C THR A 111 -2.64 1.50 -16.90
N ARG A 112 -1.54 1.38 -17.66
CA ARG A 112 -1.56 0.74 -19.01
C ARG A 112 -2.08 -0.69 -18.90
N PRO A 113 -1.64 -1.50 -17.91
CA PRO A 113 -2.18 -2.85 -17.73
C PRO A 113 -3.72 -2.90 -17.59
N TRP A 114 -4.34 -1.83 -17.07
CA TRP A 114 -5.82 -1.75 -16.86
C TRP A 114 -6.56 -1.57 -18.19
N THR A 115 -5.90 -1.02 -19.21
CA THR A 115 -6.47 -0.83 -20.58
C THR A 115 -6.77 -2.21 -21.18
N ASN A 116 -6.14 -3.26 -20.64
CA ASN A 116 -6.20 -4.66 -21.13
C ASN A 116 -6.86 -5.55 -20.07
N LEU A 117 -7.74 -4.99 -19.23
CA LEU A 117 -8.35 -5.69 -18.07
C LEU A 117 -9.01 -7.00 -18.54
N GLU A 118 -9.83 -6.94 -19.60
CA GLU A 118 -10.60 -8.10 -20.11
C GLU A 118 -9.65 -9.26 -20.44
N GLN A 119 -8.49 -8.98 -21.04
CA GLN A 119 -7.47 -9.99 -21.40
C GLN A 119 -6.96 -10.67 -20.12
N ALA A 120 -6.67 -9.89 -19.07
CA ALA A 120 -6.25 -10.38 -17.74
C ALA A 120 -7.34 -11.29 -17.15
N LEU A 121 -8.61 -10.91 -17.30
CA LEU A 121 -9.77 -11.70 -16.80
C LEU A 121 -9.89 -12.99 -17.61
N ARG A 122 -9.56 -12.94 -18.91
CA ARG A 122 -9.64 -14.09 -19.85
C ARG A 122 -8.48 -15.05 -19.60
N THR A 123 -7.25 -14.54 -19.51
CA THR A 123 -6.00 -15.34 -19.39
C THR A 123 -5.77 -15.74 -17.93
N GLY A 124 -6.16 -14.89 -16.97
CA GLY A 124 -5.96 -15.09 -15.52
C GLY A 124 -4.54 -14.76 -15.10
N ARG A 125 -3.75 -14.14 -15.99
CA ARG A 125 -2.34 -13.74 -15.72
C ARG A 125 -2.17 -12.26 -16.04
N PRO A 126 -1.14 -11.59 -15.48
CA PRO A 126 -1.05 -10.12 -15.55
C PRO A 126 -0.74 -9.61 -16.96
N THR A 127 -1.24 -8.41 -17.28
CA THR A 127 -1.02 -7.71 -18.56
C THR A 127 0.20 -6.79 -18.45
N PHE A 128 0.69 -6.55 -17.23
CA PHE A 128 1.92 -5.75 -16.98
C PHE A 128 3.08 -6.35 -17.79
N ASP A 129 3.27 -7.68 -17.69
CA ASP A 129 4.40 -8.43 -18.32
C ASP A 129 4.36 -8.23 -19.84
N GLU A 130 3.16 -8.20 -20.42
CA GLU A 130 2.93 -8.04 -21.89
C GLU A 130 3.37 -6.63 -22.32
N HIS A 131 3.09 -5.62 -21.49
CA HIS A 131 3.32 -4.18 -21.79
C HIS A 131 4.79 -3.79 -21.55
N PHE A 132 5.42 -4.32 -20.49
CA PHE A 132 6.71 -3.81 -19.95
C PHE A 132 7.83 -4.87 -20.00
N GLY A 133 7.49 -6.16 -20.23
CA GLY A 133 8.45 -7.17 -20.69
C GLY A 133 8.96 -8.11 -19.61
N SER A 134 8.52 -7.96 -18.35
CA SER A 134 8.90 -8.86 -17.23
C SER A 134 7.89 -8.75 -16.09
N PRO A 135 7.89 -9.70 -15.12
CA PRO A 135 7.09 -9.55 -13.90
C PRO A 135 7.42 -8.25 -13.16
N LEU A 136 6.43 -7.71 -12.43
CA LEU A 136 6.47 -6.34 -11.82
C LEU A 136 7.72 -6.18 -10.96
N TYR A 137 8.00 -7.12 -10.04
CA TYR A 137 9.10 -7.00 -9.05
C TYR A 137 10.45 -7.23 -9.73
N GLU A 138 10.49 -8.06 -10.78
CA GLU A 138 11.69 -8.23 -11.63
C GLU A 138 11.97 -6.92 -12.36
N TYR A 139 10.92 -6.27 -12.89
CA TYR A 139 11.00 -4.99 -13.63
C TYR A 139 11.52 -3.88 -12.70
N MET A 140 10.94 -3.75 -11.51
CA MET A 140 11.29 -2.71 -10.52
C MET A 140 12.73 -2.90 -10.03
N ALA A 141 13.21 -4.15 -9.95
CA ALA A 141 14.61 -4.48 -9.59
C ALA A 141 15.57 -3.88 -10.64
N GLY A 142 15.12 -3.75 -11.88
CA GLY A 142 15.89 -3.18 -13.01
C GLY A 142 15.66 -1.68 -13.19
N HIS A 143 14.69 -1.10 -12.48
CA HIS A 143 14.31 0.33 -12.55
C HIS A 143 14.32 0.94 -11.15
N PRO A 144 15.50 1.39 -10.65
CA PRO A 144 15.61 1.93 -9.29
C PRO A 144 14.67 3.09 -8.95
N GLU A 145 14.40 3.98 -9.92
CA GLU A 145 13.53 5.17 -9.71
C GLU A 145 12.09 4.72 -9.46
N LEU A 146 11.60 3.71 -10.20
CA LEU A 146 10.25 3.13 -10.00
C LEU A 146 10.20 2.38 -8.67
N SER A 147 11.28 1.66 -8.34
CA SER A 147 11.45 0.91 -7.07
C SER A 147 11.32 1.87 -5.88
N ALA A 148 11.98 3.03 -5.97
CA ALA A 148 11.94 4.12 -4.95
C ALA A 148 10.52 4.66 -4.85
N ARG A 149 9.87 4.95 -5.98
CA ARG A 149 8.48 5.47 -6.03
C ARG A 149 7.55 4.46 -5.35
N PHE A 150 7.71 3.17 -5.67
CA PHE A 150 6.89 2.05 -5.13
C PHE A 150 7.01 1.99 -3.60
N ALA A 151 8.23 2.08 -3.07
CA ALA A 151 8.51 2.05 -1.61
C ALA A 151 7.75 3.19 -0.91
N ALA A 152 7.81 4.40 -1.48
CA ALA A 152 7.16 5.62 -0.94
C ALA A 152 5.64 5.52 -1.11
N ALA A 153 5.18 4.89 -2.21
CA ALA A 153 3.74 4.64 -2.49
C ALA A 153 3.16 3.73 -1.39
N MET A 154 3.84 2.62 -1.10
CA MET A 154 3.40 1.64 -0.07
C MET A 154 3.44 2.28 1.32
N ARG A 155 4.43 3.14 1.60
CA ARG A 155 4.47 3.92 2.87
C ARG A 155 3.18 4.73 2.99
N GLY A 156 2.84 5.49 1.94
CA GLY A 156 1.62 6.33 1.89
C GLY A 156 0.37 5.52 2.14
N GLU A 157 0.24 4.35 1.49
CA GLU A 157 -0.95 3.47 1.63
C GLU A 157 -0.99 2.91 3.06
N SER A 158 0.15 2.48 3.60
CA SER A 158 0.24 1.73 4.88
C SER A 158 0.01 2.64 6.10
N LEU A 159 0.02 3.98 5.94
CA LEU A 159 -0.15 4.93 7.08
C LEU A 159 -1.42 4.60 7.87
N ALA A 160 -2.54 4.35 7.18
CA ALA A 160 -3.86 4.06 7.80
C ALA A 160 -3.75 2.84 8.72
N THR A 161 -3.05 1.79 8.27
CA THR A 161 -2.83 0.54 9.04
C THR A 161 -1.83 0.81 10.18
N ALA A 162 -0.68 1.42 9.87
CA ALA A 162 0.41 1.71 10.83
C ALA A 162 -0.12 2.52 12.02
N ASP A 163 -1.05 3.45 11.77
CA ASP A 163 -1.59 4.40 12.77
C ASP A 163 -2.67 3.73 13.65
N THR A 164 -3.11 2.51 13.33
CA THR A 164 -4.26 1.85 14.03
C THR A 164 -3.91 0.47 14.57
N ILE A 165 -2.97 -0.27 13.97
CA ILE A 165 -2.74 -1.72 14.24
C ILE A 165 -2.46 -1.97 15.73
N ALA A 166 -1.60 -1.15 16.36
CA ALA A 166 -1.13 -1.35 17.75
C ALA A 166 -2.25 -1.06 18.75
N GLU A 167 -3.31 -0.36 18.34
CA GLU A 167 -4.50 -0.06 19.19
C GLU A 167 -5.61 -1.09 18.92
N HIS A 168 -5.37 -2.05 18.02
CA HIS A 168 -6.33 -3.13 17.65
C HIS A 168 -5.69 -4.52 17.81
N TYR A 169 -4.41 -4.58 18.15
CA TYR A 169 -3.66 -5.84 18.42
C TYR A 169 -2.68 -5.58 19.57
N ASP A 170 -2.63 -6.51 20.54
CA ASP A 170 -1.74 -6.44 21.73
C ASP A 170 -0.37 -7.02 21.34
N PHE A 171 0.64 -6.15 21.24
CA PHE A 171 2.03 -6.51 20.88
C PHE A 171 2.88 -6.74 22.14
N SER A 172 2.30 -6.53 23.33
CA SER A 172 3.00 -6.59 24.65
C SER A 172 3.51 -8.00 24.96
N PRO A 173 2.85 -9.10 24.53
CA PRO A 173 3.34 -10.45 24.83
C PRO A 173 4.64 -10.87 24.11
N TYR A 174 5.10 -10.12 23.10
CA TYR A 174 6.20 -10.54 22.19
C TYR A 174 7.48 -9.76 22.51
N ARG A 175 8.62 -10.45 22.48
CA ARG A 175 9.97 -9.86 22.64
C ARG A 175 10.51 -9.39 21.29
N THR A 176 10.16 -10.11 20.21
CA THR A 176 10.70 -9.88 18.84
C THR A 176 9.57 -9.99 17.80
N VAL A 177 9.57 -9.08 16.81
N VAL A 177 9.56 -9.06 16.84
CA VAL A 177 8.59 -9.07 15.69
CA VAL A 177 8.61 -9.03 15.68
C VAL A 177 9.36 -8.92 14.37
C VAL A 177 9.42 -8.96 14.38
N THR A 178 9.10 -9.80 13.40
CA THR A 178 9.73 -9.79 12.05
C THR A 178 8.64 -9.48 11.02
N ASP A 179 8.84 -8.42 10.24
CA ASP A 179 7.90 -7.99 9.16
C ASP A 179 8.37 -8.57 7.82
N VAL A 180 7.67 -9.59 7.33
CA VAL A 180 7.97 -10.33 6.07
C VAL A 180 7.44 -9.50 4.90
N GLY A 181 8.34 -9.02 4.03
CA GLY A 181 8.03 -8.05 2.96
C GLY A 181 7.63 -6.70 3.56
N GLY A 182 8.37 -6.23 4.58
CA GLY A 182 7.99 -5.08 5.42
C GLY A 182 8.26 -3.73 4.77
N GLY A 183 8.60 -3.69 3.48
CA GLY A 183 8.81 -2.43 2.73
C GLY A 183 9.90 -1.58 3.36
N ASP A 184 9.66 -0.27 3.50
CA ASP A 184 10.64 0.70 4.03
C ASP A 184 10.61 0.72 5.57
N GLY A 185 9.80 -0.13 6.19
CA GLY A 185 9.71 -0.27 7.66
C GLY A 185 8.65 0.64 8.28
N THR A 186 7.75 1.21 7.48
CA THR A 186 6.65 2.09 7.95
C THR A 186 5.83 1.38 9.04
N LEU A 187 5.42 0.13 8.80
CA LEU A 187 4.55 -0.62 9.76
C LEU A 187 5.32 -0.91 11.05
N ILE A 188 6.52 -1.49 10.95
CA ILE A 188 7.28 -1.98 12.14
C ILE A 188 7.69 -0.78 13.02
N THR A 189 8.07 0.33 12.39
N THR A 189 8.02 0.37 12.42
CA THR A 189 8.46 1.61 13.04
CA THR A 189 8.50 1.57 13.16
C THR A 189 7.33 2.07 13.97
C THR A 189 7.34 2.17 13.97
N ALA A 190 6.10 2.09 13.44
CA ALA A 190 4.88 2.51 14.17
C ALA A 190 4.66 1.62 15.39
N ILE A 191 4.89 0.31 15.25
CA ILE A 191 4.73 -0.70 16.33
C ILE A 191 5.83 -0.47 17.38
N LEU A 192 7.09 -0.34 16.94
CA LEU A 192 8.26 -0.19 17.84
C LEU A 192 8.18 1.12 18.65
N ARG A 193 7.61 2.18 18.05
N ARG A 193 7.60 2.18 18.07
CA ARG A 193 7.42 3.52 18.67
CA ARG A 193 7.48 3.51 18.72
C ARG A 193 6.56 3.41 19.93
C ARG A 193 6.49 3.47 19.88
N ARG A 194 5.66 2.42 19.98
CA ARG A 194 4.67 2.26 21.08
C ARG A 194 5.14 1.21 22.10
N HIS A 195 6.19 0.45 21.76
CA HIS A 195 6.75 -0.66 22.58
C HIS A 195 8.26 -0.51 22.68
N PRO A 196 8.77 0.30 23.64
CA PRO A 196 10.19 0.63 23.71
C PRO A 196 11.14 -0.57 23.88
N ASP A 197 10.67 -1.64 24.54
CA ASP A 197 11.47 -2.86 24.85
C ASP A 197 11.43 -3.83 23.67
N LEU A 198 10.49 -3.67 22.74
CA LEU A 198 10.27 -4.59 21.60
C LEU A 198 11.43 -4.47 20.60
N ARG A 199 11.87 -5.60 20.04
N ARG A 199 11.87 -5.60 20.04
CA ARG A 199 12.91 -5.69 19.00
CA ARG A 199 12.93 -5.67 18.99
C ARG A 199 12.26 -6.07 17.66
C ARG A 199 12.27 -6.07 17.67
N GLY A 200 12.71 -5.45 16.57
CA GLY A 200 12.13 -5.65 15.22
C GLY A 200 13.16 -6.19 14.24
N THR A 201 12.68 -6.89 13.20
CA THR A 201 13.44 -7.22 11.96
C THR A 201 12.54 -6.94 10.76
N ILE A 202 13.06 -6.25 9.75
CA ILE A 202 12.41 -6.10 8.41
C ILE A 202 13.10 -7.09 7.46
N PHE A 203 12.32 -7.98 6.84
CA PHE A 203 12.78 -8.94 5.80
C PHE A 203 12.25 -8.46 4.45
N GLU A 204 13.16 -8.09 3.55
CA GLU A 204 12.81 -7.46 2.25
C GLU A 204 13.75 -7.95 1.15
N THR A 205 13.49 -7.57 -0.10
CA THR A 205 14.42 -7.76 -1.24
C THR A 205 15.66 -6.92 -0.96
N PRO A 206 16.85 -7.28 -1.51
CA PRO A 206 18.05 -6.46 -1.33
C PRO A 206 17.80 -4.99 -1.66
N GLU A 207 17.06 -4.71 -2.73
CA GLU A 207 16.80 -3.34 -3.26
C GLU A 207 16.00 -2.53 -2.23
N ILE A 208 14.89 -3.08 -1.72
CA ILE A 208 13.99 -2.37 -0.77
C ILE A 208 14.63 -2.36 0.63
N ALA A 209 15.42 -3.39 0.97
CA ALA A 209 16.16 -3.50 2.26
C ALA A 209 17.08 -2.27 2.43
N GLU A 210 17.67 -1.78 1.34
CA GLU A 210 18.52 -0.56 1.34
C GLU A 210 17.69 0.62 1.85
N ARG A 211 16.45 0.76 1.38
CA ARG A 211 15.50 1.84 1.78
C ARG A 211 15.15 1.69 3.26
N ALA A 212 14.83 0.46 3.70
CA ALA A 212 14.42 0.13 5.08
C ALA A 212 15.56 0.44 6.07
N ALA A 213 16.78 0.04 5.74
CA ALA A 213 17.99 0.27 6.58
C ALA A 213 18.17 1.77 6.82
N GLU A 214 18.02 2.60 5.77
CA GLU A 214 18.15 4.07 5.85
C GLU A 214 17.00 4.65 6.69
N ARG A 215 15.78 4.16 6.50
CA ARG A 215 14.57 4.60 7.24
C ARG A 215 14.74 4.30 8.74
N VAL A 216 15.21 3.10 9.08
CA VAL A 216 15.41 2.64 10.48
C VAL A 216 16.46 3.53 11.15
N ARG A 217 17.57 3.82 10.46
CA ARG A 217 18.68 4.68 10.97
C ARG A 217 18.17 6.11 11.16
N ALA A 218 17.47 6.66 10.16
CA ALA A 218 16.90 8.03 10.17
C ALA A 218 15.92 8.18 11.34
N ALA A 219 15.14 7.13 11.65
CA ALA A 219 14.11 7.11 12.70
C ALA A 219 14.73 6.86 14.08
N GLY A 220 16.02 6.51 14.14
CA GLY A 220 16.78 6.29 15.39
C GLY A 220 16.38 5.00 16.08
N LEU A 221 16.04 3.97 15.29
CA LEU A 221 15.57 2.64 15.79
C LEU A 221 16.60 1.56 15.46
N HIS A 222 17.76 1.93 14.89
CA HIS A 222 18.88 1.04 14.50
C HIS A 222 19.30 0.14 15.67
N ASP A 223 19.17 0.62 16.90
CA ASP A 223 19.59 -0.09 18.15
C ASP A 223 18.70 -1.31 18.41
N ARG A 224 17.46 -1.33 17.93
CA ARG A 224 16.49 -2.42 18.23
C ARG A 224 15.64 -2.78 17.01
N CYS A 225 16.01 -2.33 15.81
CA CYS A 225 15.38 -2.79 14.54
C CYS A 225 16.49 -3.06 13.51
N ALA A 226 16.57 -4.30 13.05
CA ALA A 226 17.55 -4.75 12.03
C ALA A 226 16.84 -4.94 10.69
N VAL A 227 17.61 -4.97 9.61
CA VAL A 227 17.10 -5.24 8.23
C VAL A 227 17.89 -6.42 7.68
N VAL A 228 17.19 -7.43 7.16
N VAL A 228 17.17 -7.44 7.20
CA VAL A 228 17.80 -8.62 6.49
CA VAL A 228 17.68 -8.66 6.52
C VAL A 228 17.10 -8.81 5.15
C VAL A 228 17.10 -8.66 5.10
N SER A 229 17.87 -9.13 4.12
CA SER A 229 17.39 -9.26 2.71
C SER A 229 17.43 -10.74 2.29
N GLY A 230 16.62 -11.07 1.30
CA GLY A 230 16.52 -12.45 0.77
C GLY A 230 15.26 -12.63 -0.05
N ASP A 231 14.80 -13.87 -0.14
CA ASP A 231 13.62 -14.29 -0.94
C ASP A 231 12.72 -15.12 -0.01
N PHE A 232 11.48 -14.68 0.24
CA PHE A 232 10.56 -15.37 1.19
C PHE A 232 10.06 -16.70 0.59
N PHE A 233 10.34 -16.96 -0.69
CA PHE A 233 10.15 -18.29 -1.33
C PHE A 233 11.26 -19.24 -0.87
N ASP A 234 12.45 -18.71 -0.55
CA ASP A 234 13.61 -19.48 -0.04
C ASP A 234 13.42 -19.75 1.46
N LEU A 235 13.29 -18.69 2.27
CA LEU A 235 13.04 -18.80 3.74
C LEU A 235 12.55 -17.46 4.31
N VAL A 236 12.11 -17.49 5.57
CA VAL A 236 11.87 -16.29 6.43
C VAL A 236 12.78 -16.44 7.64
N PRO A 237 13.53 -15.38 8.04
CA PRO A 237 14.46 -15.49 9.16
C PRO A 237 13.75 -16.00 10.43
N GLY A 238 14.32 -17.01 11.08
CA GLY A 238 13.74 -17.67 12.28
C GLY A 238 14.00 -16.88 13.55
N GLY A 239 13.48 -17.36 14.67
CA GLY A 239 13.85 -16.92 16.04
C GLY A 239 12.88 -15.92 16.64
N ALA A 240 11.95 -15.36 15.85
CA ALA A 240 11.02 -14.28 16.28
C ALA A 240 9.77 -14.89 16.93
N ASP A 241 9.20 -14.19 17.91
CA ASP A 241 7.94 -14.57 18.59
C ASP A 241 6.74 -14.30 17.67
N LEU A 242 6.78 -13.21 16.90
CA LEU A 242 5.67 -12.78 16.03
C LEU A 242 6.20 -12.44 14.64
N TYR A 243 5.49 -12.87 13.60
CA TYR A 243 5.75 -12.51 12.18
C TYR A 243 4.53 -11.75 11.65
N LEU A 244 4.80 -10.64 10.96
CA LEU A 244 3.80 -9.85 10.21
C LEU A 244 4.01 -10.10 8.71
N VAL A 245 2.92 -10.26 7.96
CA VAL A 245 2.96 -10.22 6.47
C VAL A 245 1.80 -9.35 6.01
N LYS A 246 2.11 -8.09 5.64
CA LYS A 246 1.11 -7.07 5.28
C LYS A 246 1.17 -6.79 3.77
N SER A 247 0.01 -6.78 3.11
CA SER A 247 -0.16 -6.37 1.68
C SER A 247 0.86 -7.11 0.81
N THR A 248 1.11 -8.38 1.11
CA THR A 248 2.17 -9.20 0.46
C THR A 248 1.53 -10.43 -0.21
N LEU A 249 0.73 -11.21 0.54
CA LEU A 249 0.10 -12.45 0.03
C LEU A 249 -0.81 -12.13 -1.16
N HIS A 250 -1.45 -10.96 -1.19
CA HIS A 250 -2.39 -10.54 -2.29
C HIS A 250 -1.61 -10.30 -3.59
N ASN A 251 -0.28 -10.19 -3.54
CA ASN A 251 0.60 -9.98 -4.72
C ASN A 251 0.79 -11.28 -5.51
N TRP A 252 0.40 -12.44 -4.97
CA TRP A 252 0.80 -13.78 -5.50
C TRP A 252 -0.43 -14.67 -5.72
N ASP A 253 -0.34 -15.61 -6.65
CA ASP A 253 -1.38 -16.66 -6.90
C ASP A 253 -1.35 -17.64 -5.73
N ASP A 254 -2.30 -18.58 -5.69
CA ASP A 254 -2.55 -19.49 -4.53
C ASP A 254 -1.31 -20.32 -4.22
N GLU A 255 -0.66 -20.89 -5.25
CA GLU A 255 0.49 -21.81 -5.08
C GLU A 255 1.71 -21.04 -4.56
N HIS A 256 1.95 -19.82 -5.08
CA HIS A 256 3.04 -18.92 -4.61
C HIS A 256 2.79 -18.51 -3.15
N VAL A 257 1.52 -18.25 -2.78
CA VAL A 257 1.12 -17.87 -1.39
C VAL A 257 1.45 -19.04 -0.45
N VAL A 258 1.12 -20.27 -0.84
CA VAL A 258 1.38 -21.51 -0.05
C VAL A 258 2.88 -21.60 0.26
N ARG A 259 3.73 -21.33 -0.75
CA ARG A 259 5.20 -21.37 -0.65
C ARG A 259 5.69 -20.31 0.36
N ILE A 260 5.09 -19.12 0.35
CA ILE A 260 5.41 -18.02 1.32
C ILE A 260 5.00 -18.49 2.72
N LEU A 261 3.77 -18.99 2.86
CA LEU A 261 3.21 -19.46 4.16
C LEU A 261 4.01 -20.67 4.66
N SER A 262 4.54 -21.49 3.74
CA SER A 262 5.43 -22.65 4.05
C SER A 262 6.72 -22.16 4.70
N SER A 263 7.37 -21.16 4.09
CA SER A 263 8.56 -20.47 4.66
C SER A 263 8.24 -19.92 6.05
N CYS A 264 7.04 -19.34 6.22
CA CYS A 264 6.57 -18.75 7.50
C CYS A 264 6.44 -19.85 8.57
N ARG A 265 5.80 -20.98 8.24
CA ARG A 265 5.57 -22.10 9.20
C ARG A 265 6.92 -22.62 9.72
N THR A 266 7.92 -22.76 8.85
CA THR A 266 9.31 -23.18 9.21
C THR A 266 9.87 -22.21 10.26
N ALA A 267 9.66 -20.91 10.06
CA ALA A 267 10.16 -19.83 10.95
C ALA A 267 9.37 -19.80 12.26
N LEU A 268 8.07 -20.11 12.24
CA LEU A 268 7.19 -20.12 13.44
C LEU A 268 7.70 -21.16 14.45
N ALA A 269 8.15 -22.33 13.96
CA ALA A 269 8.60 -23.48 14.77
C ALA A 269 7.50 -23.85 15.78
N ASP A 270 7.76 -23.73 17.09
CA ASP A 270 6.86 -24.21 18.17
C ASP A 270 6.01 -23.04 18.71
N ARG A 271 6.65 -21.95 19.14
CA ARG A 271 5.99 -20.82 19.87
C ARG A 271 5.97 -19.55 19.00
N GLY A 272 5.85 -19.68 17.68
CA GLY A 272 5.76 -18.55 16.73
C GLY A 272 4.35 -18.34 16.23
N ARG A 273 3.92 -17.07 16.14
CA ARG A 273 2.60 -16.64 15.58
C ARG A 273 2.82 -15.86 14.28
N LEU A 274 1.91 -16.02 13.32
CA LEU A 274 1.89 -15.20 12.07
C LEU A 274 0.65 -14.29 12.09
N LEU A 275 0.83 -13.00 11.77
CA LEU A 275 -0.28 -12.04 11.58
C LEU A 275 -0.31 -11.65 10.10
N VAL A 276 -1.29 -12.18 9.36
CA VAL A 276 -1.57 -11.81 7.95
C VAL A 276 -2.42 -10.54 7.97
N ILE A 277 -1.83 -9.42 7.54
CA ILE A 277 -2.49 -8.08 7.49
C ILE A 277 -2.86 -7.82 6.03
N ASP A 278 -4.14 -7.99 5.69
CA ASP A 278 -4.63 -7.98 4.30
C ASP A 278 -6.15 -7.82 4.31
N VAL A 279 -6.70 -7.43 3.16
CA VAL A 279 -8.16 -7.52 2.88
C VAL A 279 -8.61 -8.94 3.21
N VAL A 280 -9.72 -9.06 3.94
CA VAL A 280 -10.50 -10.32 4.09
C VAL A 280 -11.85 -10.07 3.42
N LEU A 281 -12.01 -10.56 2.18
CA LEU A 281 -13.25 -10.35 1.38
C LEU A 281 -14.37 -11.14 2.02
N PRO A 282 -15.62 -10.63 1.98
CA PRO A 282 -16.79 -11.43 2.37
C PRO A 282 -17.07 -12.50 1.30
N ASP A 283 -17.75 -13.59 1.69
CA ASP A 283 -18.19 -14.66 0.77
C ASP A 283 -19.09 -14.04 -0.33
N ARG A 284 -19.97 -13.11 0.07
N ARG A 284 -19.92 -13.07 0.05
CA ARG A 284 -20.83 -12.31 -0.84
CA ARG A 284 -20.84 -12.33 -0.85
C ARG A 284 -20.29 -10.88 -0.95
C ARG A 284 -20.37 -10.86 -0.96
N ALA A 285 -19.93 -10.46 -2.16
CA ALA A 285 -19.42 -9.10 -2.45
C ALA A 285 -20.52 -8.07 -2.19
N GLU A 286 -20.15 -6.92 -1.64
CA GLU A 286 -21.06 -5.77 -1.37
C GLU A 286 -20.23 -4.50 -1.24
N PRO A 287 -20.85 -3.30 -1.29
CA PRO A 287 -20.12 -2.05 -1.09
C PRO A 287 -19.36 -2.01 0.24
N ASP A 288 -18.22 -1.33 0.26
CA ASP A 288 -17.25 -1.32 1.37
C ASP A 288 -16.84 0.13 1.63
N PRO A 289 -16.80 0.59 2.90
CA PRO A 289 -16.39 1.97 3.21
C PRO A 289 -14.88 2.22 3.24
N ALA A 290 -14.06 1.20 2.98
CA ALA A 290 -12.57 1.31 2.96
C ALA A 290 -12.13 2.43 2.01
N GLU A 291 -11.05 3.13 2.37
CA GLU A 291 -10.47 4.26 1.58
C GLU A 291 -10.09 3.76 0.17
N LEU A 292 -9.63 2.52 0.05
CA LEU A 292 -9.39 1.84 -1.26
C LEU A 292 -10.33 0.65 -1.39
N ASN A 293 -11.12 0.61 -2.46
CA ASN A 293 -12.11 -0.46 -2.75
C ASN A 293 -11.37 -1.80 -2.85
N PRO A 294 -11.75 -2.81 -2.02
CA PRO A 294 -10.99 -4.06 -1.99
C PRO A 294 -11.10 -4.90 -3.28
N TYR A 295 -12.17 -4.73 -4.05
CA TYR A 295 -12.42 -5.48 -5.31
C TYR A 295 -11.61 -4.83 -6.43
N VAL A 296 -11.44 -3.51 -6.40
CA VAL A 296 -10.53 -2.77 -7.32
C VAL A 296 -9.09 -3.21 -7.01
N LYS A 297 -8.74 -3.35 -5.73
CA LYS A 297 -7.42 -3.90 -5.29
C LYS A 297 -7.24 -5.31 -5.87
N ASP A 298 -8.28 -6.14 -5.78
CA ASP A 298 -8.28 -7.53 -6.33
C ASP A 298 -7.88 -7.50 -7.81
N LEU A 299 -8.52 -6.64 -8.61
CA LEU A 299 -8.29 -6.57 -10.08
C LEU A 299 -6.94 -5.88 -10.36
N GLN A 300 -6.51 -4.96 -9.50
CA GLN A 300 -5.15 -4.36 -9.54
C GLN A 300 -4.11 -5.48 -9.42
N MET A 301 -4.28 -6.37 -8.43
CA MET A 301 -3.38 -7.53 -8.20
C MET A 301 -3.38 -8.45 -9.42
N LEU A 302 -4.53 -8.64 -10.07
CA LEU A 302 -4.63 -9.49 -11.30
C LEU A 302 -3.76 -8.89 -12.41
N VAL A 303 -4.03 -7.64 -12.80
CA VAL A 303 -3.45 -7.01 -14.04
C VAL A 303 -1.96 -6.75 -13.83
N LEU A 304 -1.52 -6.45 -12.60
CA LEU A 304 -0.11 -6.08 -12.28
C LEU A 304 0.73 -7.32 -11.98
N LEU A 305 0.17 -8.31 -11.27
CA LEU A 305 0.98 -9.40 -10.62
C LEU A 305 0.37 -10.79 -10.81
N GLY A 306 -0.87 -10.91 -11.29
CA GLY A 306 -1.61 -12.19 -11.30
C GLY A 306 -1.95 -12.64 -9.89
N GLY A 307 -2.01 -11.70 -8.94
CA GLY A 307 -2.42 -11.95 -7.54
C GLY A 307 -3.92 -11.81 -7.39
N ARG A 308 -4.41 -11.70 -6.16
CA ARG A 308 -5.85 -11.54 -5.85
C ARG A 308 -6.06 -11.23 -4.36
N GLU A 309 -7.21 -10.63 -4.02
CA GLU A 309 -7.72 -10.56 -2.63
C GLU A 309 -8.53 -11.84 -2.38
N ARG A 310 -8.68 -12.24 -1.12
CA ARG A 310 -9.21 -13.57 -0.73
C ARG A 310 -10.18 -13.43 0.43
N THR A 311 -11.18 -14.31 0.48
CA THR A 311 -12.09 -14.51 1.63
C THR A 311 -11.33 -15.22 2.75
N ARG A 312 -11.91 -15.25 3.96
CA ARG A 312 -11.35 -16.00 5.11
C ARG A 312 -11.25 -17.49 4.76
N ALA A 313 -12.29 -18.03 4.11
CA ALA A 313 -12.36 -19.45 3.68
C ALA A 313 -11.21 -19.76 2.72
N HIS A 314 -10.97 -18.88 1.74
CA HIS A 314 -9.90 -19.02 0.70
C HIS A 314 -8.53 -19.00 1.40
N LEU A 315 -8.32 -18.10 2.35
CA LEU A 315 -7.03 -17.99 3.10
C LEU A 315 -6.91 -19.16 4.10
N ASP A 316 -8.00 -19.50 4.80
CA ASP A 316 -8.07 -20.63 5.77
C ASP A 316 -7.56 -21.91 5.08
N ARG A 317 -7.93 -22.08 3.81
CA ARG A 317 -7.56 -23.27 2.99
C ARG A 317 -6.08 -23.20 2.63
N LEU A 318 -5.55 -22.01 2.30
CA LEU A 318 -4.13 -21.81 1.93
C LEU A 318 -3.25 -22.00 3.17
N CYS A 319 -3.74 -21.58 4.35
CA CYS A 319 -3.10 -21.82 5.67
C CYS A 319 -3.09 -23.33 5.94
N ALA A 320 -4.27 -23.96 5.97
CA ALA A 320 -4.46 -25.41 6.15
C ALA A 320 -3.33 -26.14 5.41
N ARG A 321 -3.13 -25.82 4.13
CA ARG A 321 -2.12 -26.46 3.24
C ARG A 321 -0.70 -26.20 3.74
N ALA A 322 -0.40 -24.98 4.19
CA ALA A 322 0.94 -24.56 4.65
C ALA A 322 1.28 -25.25 5.98
N GLY A 323 0.41 -26.11 6.50
CA GLY A 323 0.51 -26.69 7.85
C GLY A 323 0.16 -25.65 8.90
N LEU A 324 -0.67 -24.67 8.53
CA LEU A 324 -1.12 -23.55 9.39
C LEU A 324 -2.64 -23.60 9.52
N VAL A 325 -3.18 -23.04 10.62
CA VAL A 325 -4.64 -22.88 10.83
C VAL A 325 -4.90 -21.40 11.16
N ILE A 326 -5.88 -20.79 10.49
CA ILE A 326 -6.40 -19.44 10.87
C ILE A 326 -7.03 -19.60 12.26
N ASP A 327 -6.46 -18.94 13.27
CA ASP A 327 -6.94 -18.96 14.67
C ASP A 327 -8.15 -18.03 14.80
N ARG A 328 -8.10 -16.86 14.16
CA ARG A 328 -8.88 -15.67 14.57
C ARG A 328 -8.64 -14.53 13.59
N VAL A 329 -9.71 -13.83 13.18
CA VAL A 329 -9.65 -12.61 12.31
C VAL A 329 -10.14 -11.43 13.13
N LEU A 330 -9.31 -10.39 13.27
CA LEU A 330 -9.60 -9.16 14.06
C LEU A 330 -9.78 -7.98 13.11
N PRO A 331 -10.81 -7.13 13.32
CA PRO A 331 -11.07 -6.00 12.42
C PRO A 331 -10.18 -4.80 12.74
N LEU A 332 -9.94 -3.96 11.72
CA LEU A 332 -9.39 -2.59 11.87
C LEU A 332 -10.52 -1.59 11.65
N PRO A 333 -10.35 -0.32 12.06
CA PRO A 333 -11.37 0.70 11.80
C PRO A 333 -11.77 0.70 10.32
N PRO A 334 -13.08 0.85 10.00
CA PRO A 334 -13.60 0.55 8.65
C PRO A 334 -12.93 1.26 7.46
N HIS A 335 -12.38 2.47 7.66
CA HIS A 335 -11.73 3.26 6.57
C HIS A 335 -10.45 2.57 6.09
N VAL A 336 -9.84 1.72 6.92
CA VAL A 336 -8.51 1.08 6.62
C VAL A 336 -8.71 0.03 5.51
N GLY A 337 -9.67 -0.89 5.70
CA GLY A 337 -10.03 -1.91 4.70
C GLY A 337 -9.32 -3.24 4.91
N LEU A 338 -8.24 -3.25 5.70
CA LEU A 338 -7.45 -4.47 6.01
C LEU A 338 -7.95 -5.06 7.33
N SER A 339 -7.79 -6.37 7.51
CA SER A 339 -8.06 -7.11 8.77
C SER A 339 -6.78 -7.79 9.25
N LEU A 340 -6.75 -8.20 10.52
CA LEU A 340 -5.62 -8.92 11.16
C LEU A 340 -6.03 -10.40 11.33
N THR A 341 -5.46 -11.28 10.49
CA THR A 341 -5.69 -12.75 10.56
C THR A 341 -4.54 -13.39 11.34
N GLU A 342 -4.82 -13.87 12.55
CA GLU A 342 -3.87 -14.63 13.40
C GLU A 342 -3.77 -16.06 12.87
N VAL A 343 -2.57 -16.49 12.49
CA VAL A 343 -2.27 -17.84 11.91
C VAL A 343 -1.25 -18.54 12.82
N VAL A 344 -1.56 -19.75 13.27
CA VAL A 344 -0.66 -20.61 14.10
C VAL A 344 -0.44 -21.93 13.38
N PRO A 345 0.64 -22.69 13.70
CA PRO A 345 0.86 -24.00 13.11
C PRO A 345 -0.31 -24.97 13.38
N ALA A 346 -0.63 -25.81 12.40
CA ALA A 346 -1.76 -26.78 12.44
C ALA A 346 -1.36 -27.98 13.30
N PRO A 347 -2.30 -28.54 14.11
CA PRO A 347 -2.03 -29.74 14.89
C PRO A 347 -1.33 -30.85 14.09
N ALA A 348 -1.80 -31.11 12.86
CA ALA A 348 -1.29 -32.15 11.93
C ALA A 348 -1.42 -33.53 12.57
N SAH B . 4.39 -4.67 3.82
CA SAH B . 4.66 -3.38 3.13
CB SAH B . 5.00 -3.60 1.65
CG SAH B . 3.94 -4.35 0.87
SD SAH B . 4.33 -4.52 -0.89
C SAH B . 3.43 -2.47 3.23
O SAH B . 2.32 -2.94 3.50
OXT SAH B . 3.53 -1.26 3.05
C5' SAH B . 5.07 -6.18 -0.95
C4' SAH B . 6.55 -6.22 -0.60
O4' SAH B . 7.06 -7.55 -0.88
C3' SAH B . 7.43 -5.25 -1.41
O3' SAH B . 8.04 -4.30 -0.54
C2' SAH B . 8.47 -6.16 -2.10
O2' SAH B . 9.77 -5.62 -2.09
C1' SAH B . 8.41 -7.42 -1.25
N9 SAH B . 8.81 -8.64 -1.94
C8 SAH B . 8.45 -9.04 -3.20
N7 SAH B . 8.96 -10.19 -3.55
C5 SAH B . 9.70 -10.58 -2.46
C6 SAH B . 10.48 -11.74 -2.20
N6 SAH B . 10.64 -12.73 -3.07
N1 SAH B . 11.09 -11.82 -0.99
C2 SAH B . 10.92 -10.82 -0.12
N3 SAH B . 10.21 -9.70 -0.25
C4 SAH B . 9.62 -9.64 -1.45
C1 GOL C . 16.47 -24.39 5.15
O1 GOL C . 16.94 -23.09 5.49
C2 GOL C . 15.35 -24.33 4.14
O2 GOL C . 14.52 -25.49 4.29
C3 GOL C . 15.83 -24.22 2.71
O3 GOL C . 15.07 -23.27 1.96
C1 GOL D . -7.75 3.15 16.72
O1 GOL D . -8.94 3.09 15.95
C2 GOL D . -6.84 4.26 16.26
O2 GOL D . -7.60 5.46 16.11
C3 GOL D . -5.67 4.51 17.19
O3 GOL D . -4.43 4.53 16.50
#